data_4WCI
#
_entry.id   4WCI
#
_cell.length_a   95.526
_cell.length_b   55.362
_cell.length_c   64.557
_cell.angle_alpha   90.00
_cell.angle_beta   131.72
_cell.angle_gamma   90.00
#
_symmetry.space_group_name_H-M   'C 1 2 1'
#
loop_
_entity.id
_entity.type
_entity.pdbx_description
1 polymer 'CD2-associated protein'
2 polymer 'Ras and Rab interactor 3'
3 non-polymer 'SULFATE ION'
4 water water
#
loop_
_entity_poly.entity_id
_entity_poly.type
_entity_poly.pdbx_seq_one_letter_code
_entity_poly.pdbx_strand_id
1 'polypeptide(L)' GPLGSMVDYIVEYDYDAVHDDELTIRVGEIIRNVKKLQEEGWLEGELNGRRGMFPDNFVKEIKRE A,C,E
2 'polypeptide(L)' AKKNLPTAPPRRRVSE B,D,F
#
# COMPACT_ATOMS: atom_id res chain seq x y z
N SER A 5 11.21 -15.96 4.49
CA SER A 5 10.85 -14.55 4.48
C SER A 5 9.44 -14.36 3.92
N MET A 6 9.08 -13.11 3.65
CA MET A 6 7.72 -12.82 3.22
CA MET A 6 7.71 -12.79 3.23
C MET A 6 7.54 -12.81 1.72
N VAL A 7 6.38 -13.26 1.27
CA VAL A 7 6.02 -13.32 -0.13
C VAL A 7 4.91 -12.31 -0.41
N ASP A 8 5.06 -11.52 -1.47
CA ASP A 8 4.03 -10.57 -1.90
C ASP A 8 3.60 -10.90 -3.31
N TYR A 9 2.38 -10.50 -3.66
CA TYR A 9 1.83 -10.72 -5.00
C TYR A 9 1.28 -9.42 -5.57
N ILE A 10 1.36 -9.26 -6.88
CA ILE A 10 0.72 -8.13 -7.56
C ILE A 10 -0.61 -8.56 -8.14
N VAL A 11 -1.64 -7.75 -7.97
CA VAL A 11 -2.93 -8.05 -8.58
C VAL A 11 -2.93 -7.66 -10.06
N GLU A 12 -3.24 -8.63 -10.92
CA GLU A 12 -3.22 -8.39 -12.36
C GLU A 12 -4.60 -8.31 -12.97
N TYR A 13 -5.58 -8.85 -12.25
CA TYR A 13 -6.98 -8.85 -12.69
C TYR A 13 -7.91 -8.57 -11.52
N ASP A 14 -8.96 -7.80 -11.78
CA ASP A 14 -9.99 -7.54 -10.77
C ASP A 14 -10.73 -8.81 -10.37
N TYR A 15 -11.06 -8.91 -9.09
CA TYR A 15 -11.89 -9.99 -8.58
C TYR A 15 -12.74 -9.47 -7.44
N ASP A 16 -14.05 -9.72 -7.53
CA ASP A 16 -14.98 -9.41 -6.45
C ASP A 16 -15.22 -10.63 -5.59
N ALA A 17 -15.09 -10.50 -4.27
CA ALA A 17 -15.36 -11.60 -3.34
C ALA A 17 -16.75 -12.22 -3.52
N VAL A 18 -16.79 -13.55 -3.56
CA VAL A 18 -18.03 -14.31 -3.68
C VAL A 18 -18.38 -15.00 -2.36
N HIS A 19 -17.37 -15.19 -1.51
CA HIS A 19 -17.54 -15.70 -0.16
C HIS A 19 -16.85 -14.76 0.82
N ASP A 20 -17.26 -14.78 2.08
CA ASP A 20 -16.84 -13.74 3.02
C ASP A 20 -15.37 -13.83 3.40
N ASP A 21 -14.73 -14.98 3.17
CA ASP A 21 -13.31 -15.11 3.47
C ASP A 21 -12.41 -14.68 2.31
N GLU A 22 -13.03 -14.17 1.24
CA GLU A 22 -12.27 -13.76 0.06
C GLU A 22 -11.99 -12.27 0.00
N LEU A 23 -10.83 -11.92 -0.53
CA LEU A 23 -10.53 -10.51 -0.82
C LEU A 23 -11.26 -10.04 -2.06
N THR A 24 -11.58 -8.75 -2.07
CA THR A 24 -11.93 -8.05 -3.30
C THR A 24 -10.68 -7.31 -3.72
N ILE A 25 -10.22 -7.57 -4.94
CA ILE A 25 -8.91 -7.10 -5.36
C ILE A 25 -9.02 -6.32 -6.65
N ARG A 26 -8.08 -5.41 -6.83
CA ARG A 26 -8.10 -4.49 -7.96
C ARG A 26 -6.71 -4.40 -8.59
N VAL A 27 -6.64 -4.32 -9.92
CA VAL A 27 -5.37 -4.32 -10.61
C VAL A 27 -4.44 -3.28 -10.02
N GLY A 28 -3.20 -3.68 -9.73
CA GLY A 28 -2.22 -2.76 -9.17
C GLY A 28 -1.94 -2.95 -7.70
N GLU A 29 -2.91 -3.47 -6.97
CA GLU A 29 -2.73 -3.70 -5.52
C GLU A 29 -1.61 -4.71 -5.25
N ILE A 30 -0.92 -4.52 -4.13
CA ILE A 30 0.00 -5.54 -3.63
C ILE A 30 -0.64 -6.26 -2.45
N ILE A 31 -0.71 -7.59 -2.53
CA ILE A 31 -1.18 -8.43 -1.43
C ILE A 31 0.05 -8.90 -0.68
N ARG A 32 0.07 -8.75 0.65
CA ARG A 32 1.30 -9.01 1.39
C ARG A 32 1.22 -10.20 2.35
N ASN A 33 2.39 -10.70 2.74
CA ASN A 33 2.49 -11.82 3.68
C ASN A 33 1.65 -12.99 3.20
N VAL A 34 1.82 -13.34 1.92
CA VAL A 34 1.04 -14.38 1.29
C VAL A 34 1.43 -15.78 1.75
N LYS A 35 0.42 -16.61 1.99
CA LYS A 35 0.64 -17.98 2.41
CA LYS A 35 0.62 -17.98 2.43
C LYS A 35 -0.21 -18.95 1.61
N LYS A 36 0.34 -20.13 1.34
CA LYS A 36 -0.46 -21.20 0.78
C LYS A 36 -1.06 -21.97 1.97
N LEU A 37 -2.38 -22.01 2.03
CA LEU A 37 -3.05 -22.76 3.09
C LEU A 37 -3.41 -24.12 2.51
N GLN A 38 -4.39 -24.80 3.09
CA GLN A 38 -4.70 -26.15 2.62
C GLN A 38 -5.36 -26.13 1.24
N GLU A 39 -6.11 -25.08 0.94
CA GLU A 39 -6.91 -25.01 -0.28
C GLU A 39 -6.12 -24.93 -1.59
N GLU A 40 -6.57 -25.68 -2.59
CA GLU A 40 -5.91 -25.75 -3.89
C GLU A 40 -6.32 -24.58 -4.81
N GLY A 41 -5.35 -24.01 -5.52
CA GLY A 41 -5.64 -22.95 -6.48
C GLY A 41 -5.90 -21.57 -5.90
N TRP A 42 -5.87 -21.49 -4.57
CA TRP A 42 -6.10 -20.24 -3.86
C TRP A 42 -4.92 -19.92 -2.95
N LEU A 43 -4.77 -18.65 -2.61
CA LEU A 43 -3.75 -18.21 -1.65
C LEU A 43 -4.40 -17.34 -0.60
N GLU A 44 -3.66 -17.07 0.49
CA GLU A 44 -4.16 -16.20 1.54
CA GLU A 44 -4.15 -16.20 1.56
C GLU A 44 -3.17 -15.06 1.79
N GLY A 45 -3.69 -13.86 2.05
CA GLY A 45 -2.78 -12.74 2.25
C GLY A 45 -3.41 -11.50 2.85
N GLU A 46 -2.58 -10.51 3.13
CA GLU A 46 -2.99 -9.27 3.77
C GLU A 46 -3.24 -8.19 2.71
N LEU A 47 -4.34 -7.46 2.84
CA LEU A 47 -4.62 -6.36 1.92
C LEU A 47 -5.44 -5.30 2.62
N ASN A 48 -4.89 -4.08 2.67
CA ASN A 48 -5.57 -2.93 3.24
C ASN A 48 -6.11 -3.21 4.65
N GLY A 49 -5.33 -3.95 5.44
CA GLY A 49 -5.61 -4.10 6.86
C GLY A 49 -6.33 -5.37 7.28
N ARG A 50 -6.75 -6.17 6.31
CA ARG A 50 -7.45 -7.43 6.58
C ARG A 50 -6.74 -8.59 5.89
N ARG A 51 -7.10 -9.82 6.23
CA ARG A 51 -6.57 -10.97 5.53
C ARG A 51 -7.69 -11.70 4.81
N GLY A 52 -7.37 -12.40 3.74
CA GLY A 52 -8.39 -13.14 3.02
C GLY A 52 -7.84 -13.98 1.89
N MET A 53 -8.71 -14.79 1.30
CA MET A 53 -8.35 -15.68 0.20
C MET A 53 -8.46 -15.02 -1.17
N PHE A 54 -7.58 -15.40 -2.11
CA PHE A 54 -7.66 -14.90 -3.48
C PHE A 54 -7.19 -15.96 -4.48
N PRO A 55 -7.78 -15.94 -5.69
CA PRO A 55 -7.44 -16.99 -6.68
C PRO A 55 -6.03 -16.78 -7.25
N ASP A 56 -5.25 -17.84 -7.38
CA ASP A 56 -3.83 -17.64 -7.65
C ASP A 56 -3.55 -17.33 -9.12
N ASN A 57 -4.57 -17.37 -9.97
CA ASN A 57 -4.37 -17.03 -11.37
C ASN A 57 -4.81 -15.59 -11.71
N PHE A 58 -5.09 -14.80 -10.68
CA PHE A 58 -5.44 -13.38 -10.89
C PHE A 58 -4.27 -12.48 -10.50
N VAL A 59 -3.17 -13.10 -10.09
CA VAL A 59 -2.08 -12.40 -9.40
C VAL A 59 -0.74 -12.94 -9.88
N LYS A 60 0.31 -12.13 -9.73
CA LYS A 60 1.66 -12.54 -10.05
C LYS A 60 2.56 -12.41 -8.82
N GLU A 61 3.33 -13.46 -8.54
CA GLU A 61 4.25 -13.44 -7.41
C GLU A 61 5.41 -12.48 -7.64
N ILE A 62 5.67 -11.61 -6.67
CA ILE A 62 6.85 -10.75 -6.74
C ILE A 62 8.09 -11.55 -6.33
N LYS A 63 9.00 -11.75 -7.28
CA LYS A 63 10.22 -12.49 -6.98
C LYS A 63 11.43 -11.57 -7.01
N ASN B 4 -7.37 -11.80 -22.54
CA ASN B 4 -7.61 -13.08 -21.91
C ASN B 4 -7.77 -12.96 -20.39
N LEU B 5 -8.96 -13.26 -19.90
CA LEU B 5 -9.27 -13.13 -18.48
C LEU B 5 -9.25 -14.48 -17.79
N PRO B 6 -8.74 -14.51 -16.56
CA PRO B 6 -8.69 -15.77 -15.83
C PRO B 6 -10.05 -16.13 -15.24
N THR B 7 -10.30 -17.43 -15.11
CA THR B 7 -11.45 -17.91 -14.37
C THR B 7 -10.96 -18.43 -13.01
N ALA B 8 -11.58 -17.99 -11.93
CA ALA B 8 -11.13 -18.40 -10.60
C ALA B 8 -11.36 -19.90 -10.41
N PRO B 9 -10.38 -20.58 -9.85
CA PRO B 9 -10.57 -22.02 -9.61
C PRO B 9 -11.68 -22.27 -8.60
N PRO B 10 -12.36 -23.43 -8.68
CA PRO B 10 -13.38 -23.71 -7.67
C PRO B 10 -12.81 -23.72 -6.25
N ARG B 11 -13.62 -23.31 -5.27
CA ARG B 11 -13.25 -23.45 -3.87
C ARG B 11 -13.42 -24.91 -3.44
N ARG B 12 -12.74 -25.29 -2.38
CA ARG B 12 -12.85 -26.66 -1.87
C ARG B 12 -14.26 -26.98 -1.39
N ARG B 13 -14.86 -26.05 -0.64
CA ARG B 13 -16.28 -26.09 -0.29
C ARG B 13 -16.76 -27.45 0.23
N GLY C 1 20.86 5.45 0.78
CA GLY C 1 20.28 6.28 -0.26
C GLY C 1 20.78 7.69 -0.14
N PRO C 2 20.43 8.57 -1.11
CA PRO C 2 20.83 9.96 -1.03
C PRO C 2 20.22 10.66 0.19
N LEU C 3 20.78 11.80 0.57
CA LEU C 3 20.31 12.54 1.75
C LEU C 3 18.82 12.82 1.69
N GLY C 4 18.13 12.54 2.79
CA GLY C 4 16.71 12.88 2.91
C GLY C 4 15.74 11.89 2.29
N SER C 5 16.22 10.70 1.94
CA SER C 5 15.36 9.68 1.36
C SER C 5 14.30 9.25 2.36
N MET C 6 13.13 8.87 1.86
CA MET C 6 12.08 8.39 2.74
CA MET C 6 12.07 8.39 2.72
C MET C 6 12.41 7.02 3.30
N VAL C 7 11.89 6.77 4.50
CA VAL C 7 12.12 5.54 5.22
C VAL C 7 10.82 4.76 5.38
N ASP C 8 10.86 3.48 5.03
CA ASP C 8 9.70 2.60 5.18
C ASP C 8 9.99 1.44 6.14
N TYR C 9 8.95 0.95 6.80
CA TYR C 9 9.08 -0.19 7.73
C TYR C 9 8.06 -1.27 7.41
N ILE C 10 8.45 -2.52 7.59
CA ILE C 10 7.51 -3.62 7.39
CA ILE C 10 7.57 -3.69 7.41
C ILE C 10 6.98 -4.11 8.74
N VAL C 11 5.67 -4.30 8.82
CA VAL C 11 5.06 -4.73 10.08
C VAL C 11 5.29 -6.23 10.28
N GLU C 12 5.87 -6.61 11.41
CA GLU C 12 6.18 -8.01 11.69
C GLU C 12 5.25 -8.65 12.74
N TYR C 13 4.56 -7.82 13.51
CA TYR C 13 3.62 -8.27 14.53
C TYR C 13 2.41 -7.38 14.57
N ASP C 14 1.25 -7.99 14.81
CA ASP C 14 0.01 -7.25 14.96
C ASP C 14 0.04 -6.37 16.21
N TYR C 15 -0.58 -5.20 16.11
CA TYR C 15 -0.74 -4.29 17.24
C TYR C 15 -2.05 -3.52 17.07
N ASP C 16 -2.87 -3.53 18.12
CA ASP C 16 -4.11 -2.76 18.16
C ASP C 16 -3.86 -1.46 18.89
N ALA C 17 -4.26 -0.34 18.28
CA ALA C 17 -4.11 0.97 18.91
C ALA C 17 -4.72 1.02 20.30
N VAL C 18 -3.97 1.53 21.28
CA VAL C 18 -4.45 1.72 22.66
C VAL C 18 -4.76 3.19 22.92
N HIS C 19 -4.11 4.07 22.17
CA HIS C 19 -4.39 5.50 22.23
C HIS C 19 -4.71 5.98 20.84
N ASP C 20 -5.45 7.08 20.74
CA ASP C 20 -6.00 7.50 19.44
C ASP C 20 -4.96 7.96 18.43
N ASP C 21 -3.77 8.34 18.90
CA ASP C 21 -2.71 8.75 17.98
C ASP C 21 -1.93 7.56 17.42
N GLU C 22 -2.30 6.33 17.80
CA GLU C 22 -1.61 5.13 17.36
C GLU C 22 -2.25 4.44 16.17
N LEU C 23 -1.41 3.84 15.34
CA LEU C 23 -1.85 2.99 14.25
C LEU C 23 -2.28 1.63 14.77
N THR C 24 -3.27 1.03 14.12
CA THR C 24 -3.53 -0.40 14.24
C THR C 24 -2.87 -1.06 13.04
N ILE C 25 -1.98 -2.01 13.33
CA ILE C 25 -1.14 -2.57 12.28
C ILE C 25 -1.24 -4.08 12.22
N ARG C 26 -1.00 -4.61 11.03
CA ARG C 26 -1.17 -6.03 10.76
C ARG C 26 0.05 -6.54 10.01
N VAL C 27 0.51 -7.73 10.35
CA VAL C 27 1.69 -8.32 9.72
C VAL C 27 1.64 -8.20 8.20
N GLY C 28 2.72 -7.70 7.60
CA GLY C 28 2.79 -7.57 6.15
C GLY C 28 2.66 -6.15 5.66
N GLU C 29 1.90 -5.33 6.39
CA GLU C 29 1.71 -3.94 6.02
C GLU C 29 3.02 -3.18 5.94
N ILE C 30 3.06 -2.21 5.05
CA ILE C 30 4.20 -1.30 4.95
C ILE C 30 3.78 0.06 5.49
N ILE C 31 4.52 0.55 6.48
CA ILE C 31 4.33 1.90 7.01
C ILE C 31 5.32 2.83 6.34
N ARG C 32 4.82 3.93 5.77
CA ARG C 32 5.64 4.77 4.91
C ARG C 32 5.93 6.17 5.46
N ASN C 33 6.96 6.79 4.90
CA ASN C 33 7.38 8.13 5.31
C ASN C 33 7.56 8.21 6.82
N VAL C 34 8.34 7.27 7.35
CA VAL C 34 8.49 7.13 8.79
C VAL C 34 9.45 8.15 9.37
N LYS C 35 9.06 8.73 10.49
CA LYS C 35 9.87 9.72 11.18
C LYS C 35 9.97 9.39 12.65
N LYS C 36 11.12 9.71 13.25
N LYS C 36 11.12 9.70 13.24
CA LYS C 36 11.26 9.67 14.69
CA LYS C 36 11.26 9.68 14.69
C LYS C 36 10.83 11.03 15.25
C LYS C 36 10.81 11.04 15.23
N LEU C 37 9.85 11.02 16.14
CA LEU C 37 9.42 12.25 16.77
C LEU C 37 10.10 12.31 18.14
N GLN C 38 9.46 12.93 19.11
CA GLN C 38 10.14 13.17 20.38
C GLN C 38 10.15 11.92 21.26
N GLU C 39 9.29 10.96 20.92
CA GLU C 39 8.98 9.85 21.83
C GLU C 39 9.90 8.64 21.71
N GLU C 40 10.43 8.21 22.85
CA GLU C 40 11.31 7.06 22.94
C GLU C 40 10.55 5.74 22.68
N GLY C 41 11.08 4.91 21.79
CA GLY C 41 10.52 3.57 21.56
C GLY C 41 9.41 3.53 20.53
N TRP C 42 9.01 4.71 20.06
CA TRP C 42 7.88 4.86 19.15
C TRP C 42 8.30 5.61 17.89
N LEU C 43 7.70 5.24 16.77
CA LEU C 43 7.94 5.93 15.51
C LEU C 43 6.62 6.46 14.99
N GLU C 44 6.71 7.34 13.99
CA GLU C 44 5.51 7.89 13.36
CA GLU C 44 5.50 7.89 13.35
C GLU C 44 5.54 7.63 11.85
N GLY C 45 4.40 7.32 11.27
CA GLY C 45 4.39 7.00 9.85
C GLY C 45 3.02 6.96 9.24
N GLU C 46 2.99 6.80 7.92
CA GLU C 46 1.76 6.83 7.12
C GLU C 46 1.29 5.41 6.85
N LEU C 47 0.00 5.16 7.03
CA LEU C 47 -0.55 3.85 6.73
C LEU C 47 -1.99 3.99 6.28
N ASN C 48 -2.26 3.56 5.04
CA ASN C 48 -3.62 3.54 4.52
C ASN C 48 -4.33 4.90 4.61
N GLY C 49 -3.58 5.98 4.43
CA GLY C 49 -4.18 7.30 4.28
C GLY C 49 -4.10 8.20 5.50
N ARG C 50 -3.65 7.64 6.63
CA ARG C 50 -3.53 8.40 7.87
C ARG C 50 -2.11 8.28 8.41
N ARG C 51 -1.78 9.13 9.37
CA ARG C 51 -0.48 9.02 10.04
C ARG C 51 -0.72 8.67 11.50
N GLY C 52 0.22 7.95 12.08
CA GLY C 52 0.11 7.59 13.48
C GLY C 52 1.37 7.00 14.07
N MET C 53 1.34 6.82 15.40
CA MET C 53 2.48 6.31 16.14
C MET C 53 2.45 4.79 16.15
N PHE C 54 3.61 4.16 16.17
CA PHE C 54 3.65 2.69 16.28
C PHE C 54 4.88 2.27 17.05
N PRO C 55 4.81 1.10 17.71
CA PRO C 55 5.95 0.70 18.55
C PRO C 55 7.08 0.18 17.68
N ASP C 56 8.30 0.59 17.97
CA ASP C 56 9.37 0.36 17.01
C ASP C 56 9.88 -1.07 17.02
N ASN C 57 9.45 -1.88 17.99
CA ASN C 57 9.91 -3.26 18.02
C ASN C 57 8.88 -4.26 17.43
N PHE C 58 7.88 -3.72 16.75
CA PHE C 58 6.87 -4.53 16.05
C PHE C 58 7.12 -4.52 14.54
N VAL C 59 8.20 -3.86 14.13
CA VAL C 59 8.47 -3.58 12.73
C VAL C 59 9.93 -3.83 12.39
N LYS C 60 10.21 -3.96 11.09
CA LYS C 60 11.58 -4.10 10.57
C LYS C 60 11.81 -3.02 9.53
N GLU C 61 12.96 -2.37 9.56
CA GLU C 61 13.24 -1.31 8.60
C GLU C 61 13.55 -1.89 7.22
N ILE C 62 12.95 -1.29 6.19
CA ILE C 62 13.30 -1.65 4.82
C ILE C 62 14.59 -0.90 4.45
N LYS C 63 15.63 -1.65 4.12
CA LYS C 63 16.91 -1.05 3.77
C LYS C 63 17.36 -1.49 2.38
N LYS D 3 6.44 -16.58 17.14
CA LYS D 3 6.97 -17.25 18.31
C LYS D 3 7.10 -16.26 19.47
N ASN D 4 8.30 -15.70 19.64
CA ASN D 4 8.52 -14.66 20.64
C ASN D 4 7.86 -13.34 20.23
N LEU D 5 6.97 -12.82 21.07
CA LEU D 5 6.24 -11.59 20.75
C LEU D 5 6.82 -10.38 21.47
N PRO D 6 6.82 -9.23 20.78
CA PRO D 6 7.29 -8.00 21.40
C PRO D 6 6.26 -7.39 22.34
N THR D 7 6.79 -6.69 23.33
CA THR D 7 5.95 -5.87 24.20
C THR D 7 6.16 -4.41 23.82
N ALA D 8 5.08 -3.70 23.51
CA ALA D 8 5.20 -2.29 23.12
C ALA D 8 5.81 -1.48 24.26
N PRO D 9 6.74 -0.57 23.92
CA PRO D 9 7.34 0.24 24.98
C PRO D 9 6.33 1.19 25.60
N PRO D 10 6.52 1.55 26.88
CA PRO D 10 5.67 2.56 27.53
C PRO D 10 5.62 3.85 26.71
N ARG D 11 4.45 4.49 26.63
CA ARG D 11 4.35 5.82 26.04
C ARG D 11 4.91 6.87 27.00
N ARG D 12 5.39 7.99 26.47
CA ARG D 12 5.90 9.05 27.34
C ARG D 12 4.78 9.69 28.16
N GLY E 1 13.58 -0.90 -15.52
CA GLY E 1 12.97 -2.22 -15.42
C GLY E 1 12.46 -2.76 -16.75
N PRO E 2 11.87 -3.97 -16.72
CA PRO E 2 11.32 -4.60 -17.91
C PRO E 2 10.27 -3.75 -18.62
N LEU E 3 10.19 -3.88 -19.94
CA LEU E 3 9.15 -3.24 -20.73
C LEU E 3 7.79 -3.74 -20.31
N GLY E 4 6.80 -2.85 -20.33
CA GLY E 4 5.42 -3.21 -20.07
C GLY E 4 5.14 -3.46 -18.60
N SER E 5 6.12 -3.14 -17.76
CA SER E 5 5.91 -3.28 -16.33
C SER E 5 5.04 -2.13 -15.84
N MET E 6 4.35 -2.35 -14.74
CA MET E 6 3.49 -1.33 -14.19
CA MET E 6 3.48 -1.34 -14.20
C MET E 6 4.28 -0.16 -13.66
N VAL E 7 3.71 1.03 -13.79
CA VAL E 7 4.36 2.25 -13.37
C VAL E 7 3.76 2.72 -12.06
N ASP E 8 4.62 2.98 -11.07
CA ASP E 8 4.19 3.48 -9.78
C ASP E 8 4.74 4.88 -9.52
N TYR E 9 4.02 5.66 -8.72
CA TYR E 9 4.47 6.99 -8.32
C TYR E 9 4.50 7.13 -6.80
N ILE E 10 5.41 7.94 -6.27
CA ILE E 10 5.40 8.19 -4.83
CA ILE E 10 5.46 8.25 -4.84
C ILE E 10 4.79 9.57 -4.58
N VAL E 11 3.91 9.66 -3.57
CA VAL E 11 3.29 10.95 -3.26
C VAL E 11 4.27 11.81 -2.44
N GLU E 12 4.57 12.99 -2.95
CA GLU E 12 5.52 13.89 -2.27
C GLU E 12 4.84 15.02 -1.53
N TYR E 13 3.57 15.29 -1.89
CA TYR E 13 2.81 16.37 -1.28
C TYR E 13 1.35 15.96 -1.10
N ASP E 14 0.74 16.40 0.00
CA ASP E 14 -0.68 16.14 0.25
C ASP E 14 -1.57 16.85 -0.75
N TYR E 15 -2.66 16.18 -1.13
CA TYR E 15 -3.67 16.78 -1.99
C TYR E 15 -5.04 16.21 -1.61
N ASP E 16 -5.99 17.12 -1.39
CA ASP E 16 -7.37 16.75 -1.15
C ASP E 16 -8.18 16.85 -2.43
N ALA E 17 -8.93 15.79 -2.75
CA ALA E 17 -9.76 15.75 -3.95
C ALA E 17 -10.72 16.94 -4.04
N VAL E 18 -10.75 17.60 -5.20
CA VAL E 18 -11.65 18.74 -5.44
C VAL E 18 -12.83 18.29 -6.33
N HIS E 19 -12.57 17.29 -7.15
CA HIS E 19 -13.61 16.68 -7.98
C HIS E 19 -13.69 15.20 -7.67
N ASP E 20 -14.84 14.60 -7.94
CA ASP E 20 -15.09 13.25 -7.46
C ASP E 20 -14.22 12.18 -8.11
N ASP E 21 -13.63 12.48 -9.27
CA ASP E 21 -12.78 11.51 -9.93
C ASP E 21 -11.33 11.61 -9.44
N GLU E 22 -11.08 12.47 -8.46
CA GLU E 22 -9.73 12.70 -7.98
C GLU E 22 -9.39 11.90 -6.72
N LEU E 23 -8.13 11.48 -6.62
CA LEU E 23 -7.64 10.84 -5.41
C LEU E 23 -7.33 11.86 -4.32
N THR E 24 -7.56 11.48 -3.06
CA THR E 24 -6.98 12.23 -1.94
C THR E 24 -5.72 11.49 -1.55
N ILE E 25 -4.61 12.22 -1.57
CA ILE E 25 -3.30 11.59 -1.44
C ILE E 25 -2.51 12.22 -0.30
N ARG E 26 -1.62 11.43 0.28
CA ARG E 26 -0.86 11.83 1.47
C ARG E 26 0.60 11.43 1.24
N VAL E 27 1.53 12.28 1.71
CA VAL E 27 2.96 12.03 1.51
C VAL E 27 3.33 10.60 1.94
N GLY E 28 4.11 9.91 1.10
CA GLY E 28 4.52 8.54 1.40
C GLY E 28 3.76 7.46 0.64
N GLU E 29 2.51 7.74 0.30
CA GLU E 29 1.69 6.73 -0.40
C GLU E 29 2.25 6.40 -1.76
N ILE E 30 2.03 5.15 -2.19
CA ILE E 30 2.37 4.71 -3.53
C ILE E 30 1.10 4.57 -4.34
N ILE E 31 1.04 5.29 -5.46
CA ILE E 31 -0.05 5.15 -6.41
C ILE E 31 0.42 4.16 -7.47
N ARG E 32 -0.40 3.16 -7.76
CA ARG E 32 0.06 2.07 -8.63
C ARG E 32 -0.71 1.94 -9.95
N ASN E 33 -0.12 1.22 -10.88
CA ASN E 33 -0.73 0.98 -12.19
C ASN E 33 -1.09 2.30 -12.84
N VAL E 34 -0.13 3.21 -12.85
CA VAL E 34 -0.39 4.58 -13.28
C VAL E 34 -0.42 4.66 -14.80
N LYS E 35 -1.40 5.41 -15.29
CA LYS E 35 -1.60 5.59 -16.72
CA LYS E 35 -1.60 5.59 -16.72
C LYS E 35 -1.73 7.08 -17.06
N LYS E 36 -1.30 7.44 -18.26
N LYS E 36 -1.30 7.44 -18.27
CA LYS E 36 -1.59 8.76 -18.79
CA LYS E 36 -1.59 8.76 -18.79
C LYS E 36 -2.84 8.66 -19.65
C LYS E 36 -2.84 8.66 -19.65
N LEU E 37 -3.90 9.32 -19.21
CA LEU E 37 -5.14 9.33 -19.98
C LEU E 37 -5.12 10.58 -20.85
N GLN E 38 -6.29 11.11 -21.20
CA GLN E 38 -6.33 12.20 -22.17
C GLN E 38 -5.94 13.55 -21.55
N GLU E 39 -5.89 13.61 -20.23
CA GLU E 39 -5.81 14.91 -19.55
C GLU E 39 -4.39 15.42 -19.25
N GLU E 40 -4.15 16.67 -19.61
CA GLU E 40 -2.85 17.33 -19.46
C GLU E 40 -2.58 17.69 -17.99
N GLY E 41 -1.39 17.38 -17.50
CA GLY E 41 -1.00 17.72 -16.13
C GLY E 41 -1.47 16.77 -15.05
N TRP E 42 -2.27 15.79 -15.45
CA TRP E 42 -2.90 14.86 -14.52
C TRP E 42 -2.63 13.41 -14.92
N LEU E 43 -2.53 12.54 -13.92
CA LEU E 43 -2.32 11.12 -14.16
C LEU E 43 -3.46 10.35 -13.53
N GLU E 44 -3.54 9.06 -13.84
CA GLU E 44 -4.57 8.21 -13.28
CA GLU E 44 -4.58 8.19 -13.28
C GLU E 44 -3.94 6.96 -12.68
N GLY E 45 -4.45 6.52 -11.54
CA GLY E 45 -3.82 5.39 -10.86
C GLY E 45 -4.65 4.82 -9.74
N GLU E 46 -4.18 3.69 -9.21
CA GLU E 46 -4.88 2.96 -8.16
C GLU E 46 -4.30 3.35 -6.80
N LEU E 47 -5.18 3.53 -5.82
CA LEU E 47 -4.73 3.79 -4.45
C LEU E 47 -5.79 3.31 -3.48
N ASN E 48 -5.38 2.46 -2.55
CA ASN E 48 -6.25 1.98 -1.48
C ASN E 48 -7.58 1.40 -1.99
N GLY E 49 -7.53 0.74 -3.15
CA GLY E 49 -8.65 -0.02 -3.65
C GLY E 49 -9.52 0.66 -4.70
N ARG E 50 -9.25 1.94 -4.95
CA ARG E 50 -10.00 2.70 -5.94
C ARG E 50 -9.05 3.29 -6.95
N ARG E 51 -9.59 3.79 -8.06
CA ARG E 51 -8.77 4.50 -9.03
C ARG E 51 -9.19 5.95 -9.09
N GLY E 52 -8.25 6.81 -9.47
CA GLY E 52 -8.59 8.22 -9.61
C GLY E 52 -7.49 9.05 -10.22
N MET E 53 -7.81 10.31 -10.45
CA MET E 53 -6.88 11.26 -11.05
CA MET E 53 -6.88 11.27 -11.04
C MET E 53 -6.03 11.96 -9.97
N PHE E 54 -4.81 12.31 -10.32
CA PHE E 54 -3.96 13.03 -9.38
C PHE E 54 -2.99 13.94 -10.14
N PRO E 55 -2.66 15.09 -9.52
CA PRO E 55 -1.84 16.09 -10.23
C PRO E 55 -0.39 15.63 -10.36
N ASP E 56 0.21 15.77 -11.54
CA ASP E 56 1.51 15.14 -11.77
C ASP E 56 2.67 15.88 -11.11
N ASN E 57 2.42 17.06 -10.54
CA ASN E 57 3.49 17.77 -9.84
C ASN E 57 3.45 17.58 -8.30
N PHE E 58 2.61 16.64 -7.83
CA PHE E 58 2.53 16.31 -6.40
C PHE E 58 3.20 14.96 -6.13
N VAL E 59 3.75 14.36 -7.18
CA VAL E 59 4.23 12.98 -7.16
C VAL E 59 5.58 12.85 -7.85
N LYS E 60 6.25 11.72 -7.62
CA LYS E 60 7.49 11.41 -8.31
C LYS E 60 7.41 10.01 -8.88
N GLU E 61 7.77 9.85 -10.14
CA GLU E 61 7.78 8.52 -10.74
C GLU E 61 8.85 7.64 -10.10
N ILE E 62 8.47 6.43 -9.73
CA ILE E 62 9.41 5.42 -9.25
C ILE E 62 10.07 4.76 -10.44
N LYS E 63 11.39 4.90 -10.54
CA LYS E 63 12.11 4.26 -11.63
C LYS E 63 13.05 3.18 -11.09
N LYS F 3 8.69 22.79 2.18
CA LYS F 3 8.95 24.18 1.82
C LYS F 3 8.10 24.61 0.63
N ASN F 4 8.69 24.57 -0.56
CA ASN F 4 7.98 24.97 -1.78
C ASN F 4 6.89 23.97 -2.16
N LEU F 5 5.65 24.44 -2.23
CA LEU F 5 4.51 23.58 -2.51
C LEU F 5 4.02 23.75 -3.93
N PRO F 6 3.59 22.64 -4.54
CA PRO F 6 3.07 22.69 -5.90
C PRO F 6 1.63 23.17 -5.93
N THR F 7 1.26 23.80 -7.04
CA THR F 7 -0.13 24.12 -7.33
C THR F 7 -0.64 23.16 -8.40
N ALA F 8 -1.74 22.48 -8.11
CA ALA F 8 -2.28 21.52 -9.08
C ALA F 8 -2.65 22.19 -10.40
N PRO F 9 -2.28 21.56 -11.52
CA PRO F 9 -2.65 22.15 -12.81
C PRO F 9 -4.17 22.19 -12.98
N PRO F 10 -4.70 23.15 -13.74
CA PRO F 10 -6.12 23.18 -14.07
C PRO F 10 -6.61 21.87 -14.68
N ARG F 11 -7.83 21.44 -14.37
CA ARG F 11 -8.44 20.32 -15.08
C ARG F 11 -8.90 20.74 -16.48
N ARG F 12 -9.07 19.78 -17.36
CA ARG F 12 -9.59 20.08 -18.70
C ARG F 12 -11.09 20.41 -18.66
N ARG F 13 -11.46 21.49 -19.33
#